data_5NDT
#
_entry.id   5NDT
#
_cell.length_a   98.528
_cell.length_b   98.528
_cell.length_c   80.378
_cell.angle_alpha   90.00
_cell.angle_beta   90.00
_cell.angle_gamma   120.00
#
_symmetry.space_group_name_H-M   'P 65'
#
loop_
_entity.id
_entity.type
_entity.pdbx_description
1 polymer 'Serine/threonine-protein kinase pim-1'
2 polymer Pimtide
3 non-polymer GLYCEROL
4 non-polymer 3-(2-thiophen-2-ylethenyl)-1~{H}-quinoxalin-2-one
5 water water
#
loop_
_entity_poly.entity_id
_entity_poly.type
_entity_poly.pdbx_seq_one_letter_code
_entity_poly.pdbx_strand_id
1 'polypeptide(L)'
;MLLSKINSLAHLRAAPCNDLHATKLAPGKEKEPLESQYQVGPLLGSGGFGSVYSGIRVSDNLPVAIKHVEKDRISDWGEL
PNGTRVPMEVVLLKKVSSGFSGVIRLLDWFERPDSFVLILERPEPVQDLFDFITERGALQEELARSFFWQVLEAVRHCHN
CGVLHRDIKDENILIDLNRGELKLIDFGSGALLKDTVYTDFDGTRVYSPPEWIRYHRYHGRSAAVWSLGILLYDMVCGDI
PFEHDEEIIGGQVFFRQRVSSECQHLIRWCLALRPSDRPTFEEIQNHPWMQDVLLPQETAEIHLHSLSPGPSK
;
A
2 'polypeptide(L)' ARKRRRHPSGPPTA B
#
loop_
_chem_comp.id
_chem_comp.type
_chem_comp.name
_chem_comp.formula
8UB non-polymer 3-(2-thiophen-2-ylethenyl)-1~{H}-quinoxalin-2-one 'C14 H10 N2 O S'
GOL non-polymer GLYCEROL 'C3 H8 O3'
#
# COMPACT_ATOMS: atom_id res chain seq x y z
N PRO A 33 25.81 -13.95 9.74
CA PRO A 33 26.34 -13.25 8.57
C PRO A 33 25.32 -13.06 7.46
N LEU A 34 25.14 -11.81 7.01
CA LEU A 34 24.16 -11.53 5.96
C LEU A 34 24.62 -12.04 4.60
N GLU A 35 25.89 -11.82 4.27
CA GLU A 35 26.37 -12.10 2.93
C GLU A 35 26.54 -13.59 2.63
N SER A 36 26.52 -14.44 3.66
CA SER A 36 26.66 -15.88 3.46
C SER A 36 25.31 -16.60 3.39
N GLN A 37 24.25 -15.97 3.86
CA GLN A 37 22.95 -16.62 3.95
C GLN A 37 22.07 -16.37 2.73
N TYR A 38 22.42 -15.41 1.88
CA TYR A 38 21.59 -15.05 0.74
C TYR A 38 22.47 -14.81 -0.48
N GLN A 39 21.97 -15.24 -1.64
CA GLN A 39 22.57 -14.88 -2.92
C GLN A 39 21.82 -13.69 -3.50
N VAL A 40 22.57 -12.68 -3.94
CA VAL A 40 22.00 -11.40 -4.36
C VAL A 40 21.89 -11.37 -5.88
N GLY A 41 20.73 -10.99 -6.38
CA GLY A 41 20.50 -10.88 -7.80
C GLY A 41 20.26 -9.45 -8.26
N PRO A 42 19.44 -9.30 -9.30
CA PRO A 42 19.28 -7.98 -9.92
C PRO A 42 18.62 -6.98 -9.00
N LEU A 43 18.97 -5.72 -9.20
CA LEU A 43 18.29 -4.61 -8.56
C LEU A 43 16.84 -4.53 -9.04
N LEU A 44 15.90 -4.61 -8.11
CA LEU A 44 14.48 -4.53 -8.48
C LEU A 44 14.02 -3.08 -8.60
N GLY A 45 14.55 -2.20 -7.76
CA GLY A 45 14.24 -0.79 -7.84
C GLY A 45 14.90 -0.05 -6.71
N SER A 46 14.85 1.28 -6.81
CA SER A 46 15.37 2.13 -5.75
C SER A 46 14.62 3.45 -5.76
N GLY A 47 14.64 4.12 -4.60
CA GLY A 47 13.98 5.40 -4.47
C GLY A 47 13.91 5.80 -3.02
N GLY A 48 12.84 6.53 -2.68
CA GLY A 48 12.61 6.95 -1.31
C GLY A 48 12.63 5.81 -0.31
N PHE A 49 12.37 4.59 -0.78
CA PHE A 49 12.33 3.40 0.07
C PHE A 49 13.69 2.73 0.24
N GLY A 50 14.73 3.18 -0.45
CA GLY A 50 16.02 2.51 -0.42
C GLY A 50 16.36 1.83 -1.73
N SER A 51 17.17 0.77 -1.68
CA SER A 51 17.52 -0.02 -2.84
C SER A 51 17.14 -1.46 -2.57
N VAL A 52 16.42 -2.08 -3.52
CA VAL A 52 15.83 -3.40 -3.31
C VAL A 52 16.39 -4.34 -4.37
N TYR A 53 17.00 -5.44 -3.94
CA TYR A 53 17.57 -6.45 -4.82
C TYR A 53 16.73 -7.72 -4.78
N SER A 54 16.60 -8.37 -5.92
CA SER A 54 16.11 -9.74 -5.92
C SER A 54 17.13 -10.64 -5.23
N GLY A 55 16.63 -11.70 -4.59
CA GLY A 55 17.54 -12.56 -3.84
C GLY A 55 16.96 -13.94 -3.67
N ILE A 56 17.81 -14.81 -3.12
CA ILE A 56 17.47 -16.21 -2.88
C ILE A 56 18.13 -16.63 -1.58
N ARG A 57 17.35 -17.23 -0.67
CA ARG A 57 17.90 -17.71 0.59
C ARG A 57 18.63 -19.02 0.36
N VAL A 58 19.93 -19.05 0.66
CA VAL A 58 20.73 -20.24 0.38
C VAL A 58 20.22 -21.44 1.17
N SER A 59 19.66 -21.21 2.36
CA SER A 59 19.21 -22.30 3.20
C SER A 59 18.15 -23.16 2.52
N ASP A 60 17.36 -22.59 1.61
CA ASP A 60 16.30 -23.38 0.98
C ASP A 60 15.83 -22.83 -0.36
N ASN A 61 16.57 -21.93 -1.00
CA ASN A 61 16.21 -21.37 -2.31
C ASN A 61 14.86 -20.65 -2.29
N LEU A 62 14.49 -20.08 -1.15
CA LEU A 62 13.28 -19.27 -1.10
C LEU A 62 13.54 -17.92 -1.76
N PRO A 63 12.66 -17.46 -2.64
CA PRO A 63 12.85 -16.13 -3.24
C PRO A 63 12.62 -15.04 -2.22
N VAL A 64 13.56 -14.09 -2.15
CA VAL A 64 13.47 -12.98 -1.22
C VAL A 64 13.74 -11.68 -1.96
N ALA A 65 13.33 -10.58 -1.33
CA ALA A 65 13.75 -9.24 -1.71
C ALA A 65 14.66 -8.69 -0.63
N ILE A 66 15.77 -8.10 -1.02
CA ILE A 66 16.76 -7.61 -0.07
C ILE A 66 16.79 -6.09 -0.17
N LYS A 67 16.31 -5.44 0.86
CA LYS A 67 16.13 -3.99 0.87
C LYS A 67 17.16 -3.35 1.79
N HIS A 68 17.88 -2.37 1.26
CA HIS A 68 18.91 -1.64 1.97
C HIS A 68 18.40 -0.23 2.25
N VAL A 69 18.51 0.20 3.50
CA VAL A 69 18.20 1.58 3.87
C VAL A 69 19.43 2.18 4.53
N GLU A 70 19.86 3.34 4.06
CA GLU A 70 20.97 4.04 4.70
C GLU A 70 20.52 4.63 6.02
N LYS A 71 21.36 4.48 7.05
CA LYS A 71 21.01 5.02 8.36
C LYS A 71 20.77 6.53 8.30
N ASP A 72 21.58 7.25 7.55
CA ASP A 72 21.47 8.70 7.48
C ASP A 72 20.12 9.17 6.93
N ARG A 73 19.45 8.34 6.13
CA ARG A 73 18.19 8.74 5.51
C ARG A 73 16.97 8.37 6.35
N ILE A 74 17.15 7.72 7.49
CA ILE A 74 16.01 7.24 8.28
C ILE A 74 15.48 8.36 9.15
N SER A 75 14.21 8.71 8.96
CA SER A 75 13.61 9.83 9.68
C SER A 75 13.12 9.40 11.06
N ASP A 76 12.22 8.41 11.12
CA ASP A 76 11.60 7.98 12.36
C ASP A 76 12.24 6.68 12.84
N TRP A 77 12.68 6.67 14.09
CA TRP A 77 13.27 5.50 14.71
C TRP A 77 12.35 4.94 15.78
N GLY A 78 12.43 3.62 15.96
CA GLY A 78 11.70 2.95 17.01
C GLY A 78 12.61 1.99 17.75
N GLU A 79 12.02 1.32 18.74
CA GLU A 79 12.73 0.35 19.56
C GLU A 79 12.02 -0.99 19.44
N LEU A 80 12.78 -2.03 19.13
CA LEU A 80 12.21 -3.36 19.04
C LEU A 80 11.87 -3.88 20.43
N PRO A 81 10.89 -4.79 20.54
CA PRO A 81 10.54 -5.32 21.86
C PRO A 81 11.70 -6.04 22.54
N ASN A 82 12.77 -5.30 22.82
CA ASN A 82 13.99 -5.82 23.40
C ASN A 82 14.96 -4.67 23.63
N GLY A 83 14.54 -3.46 23.28
CA GLY A 83 15.35 -2.27 23.44
C GLY A 83 16.24 -1.93 22.27
N THR A 84 16.38 -2.83 21.30
CA THR A 84 17.22 -2.53 20.14
C THR A 84 16.59 -1.43 19.31
N ARG A 85 17.38 -0.41 18.99
CA ARG A 85 16.90 0.79 18.30
C ARG A 85 16.99 0.54 16.79
N VAL A 86 15.84 0.51 16.13
CA VAL A 86 15.76 0.14 14.71
C VAL A 86 14.91 1.17 13.98
N PRO A 87 14.99 1.19 12.65
CA PRO A 87 14.04 2.01 11.89
C PRO A 87 12.60 1.65 12.25
N MET A 88 11.74 2.67 12.26
CA MET A 88 10.32 2.41 12.49
C MET A 88 9.77 1.38 11.49
N GLU A 89 10.28 1.40 10.25
CA GLU A 89 9.82 0.43 9.27
C GLU A 89 9.98 -0.99 9.77
N VAL A 90 11.06 -1.28 10.50
CA VAL A 90 11.26 -2.62 11.06
C VAL A 90 10.26 -2.89 12.17
N VAL A 91 10.02 -1.90 13.04
CA VAL A 91 9.02 -2.06 14.10
C VAL A 91 7.67 -2.41 13.49
N LEU A 92 7.26 -1.66 12.46
CA LEU A 92 5.93 -1.83 11.89
C LEU A 92 5.83 -3.17 11.16
N LEU A 93 6.86 -3.52 10.39
CA LEU A 93 6.85 -4.79 9.66
C LEU A 93 6.75 -5.96 10.61
N LYS A 94 7.46 -5.92 11.73
CA LYS A 94 7.37 -7.01 12.70
C LYS A 94 5.97 -7.11 13.29
N LYS A 95 5.33 -5.97 13.53
CA LYS A 95 3.98 -6.02 14.09
C LYS A 95 2.99 -6.67 13.13
N VAL A 96 3.19 -6.52 11.81
CA VAL A 96 2.22 -7.05 10.86
C VAL A 96 2.64 -8.38 10.26
N SER A 97 3.84 -8.87 10.54
CA SER A 97 4.37 -10.01 9.80
C SER A 97 4.11 -11.35 10.47
N SER A 98 3.23 -11.40 11.47
CA SER A 98 2.89 -12.66 12.12
C SER A 98 1.68 -13.26 11.42
N GLY A 99 1.80 -14.53 11.03
CA GLY A 99 0.74 -15.22 10.33
C GLY A 99 0.68 -14.84 8.86
N PHE A 100 -0.30 -15.41 8.17
CA PHE A 100 -0.56 -15.08 6.78
C PHE A 100 -1.38 -13.79 6.70
N SER A 101 -1.15 -13.02 5.65
CA SER A 101 -1.94 -11.83 5.41
C SER A 101 -1.61 -11.31 4.01
N GLY A 102 -2.30 -10.23 3.62
CA GLY A 102 -2.01 -9.59 2.36
C GLY A 102 -0.94 -8.53 2.54
N VAL A 103 0.01 -8.77 3.45
CA VAL A 103 1.14 -7.87 3.63
C VAL A 103 2.41 -8.66 3.34
N ILE A 104 3.35 -8.04 2.62
CA ILE A 104 4.64 -8.66 2.37
C ILE A 104 5.39 -8.75 3.69
N ARG A 105 5.79 -9.97 4.06
CA ARG A 105 6.29 -10.23 5.41
C ARG A 105 7.80 -10.06 5.51
N LEU A 106 8.24 -9.51 6.65
CA LEU A 106 9.65 -9.38 6.93
C LEU A 106 10.16 -10.71 7.48
N LEU A 107 11.18 -11.28 6.83
CA LEU A 107 11.69 -12.58 7.26
C LEU A 107 12.88 -12.47 8.20
N ASP A 108 13.67 -11.40 8.08
CA ASP A 108 14.87 -11.22 8.87
C ASP A 108 15.36 -9.80 8.61
N TRP A 109 16.28 -9.33 9.44
CA TRP A 109 16.91 -8.04 9.22
C TRP A 109 18.30 -8.05 9.83
N PHE A 110 19.14 -7.17 9.31
CA PHE A 110 20.53 -7.05 9.73
C PHE A 110 20.87 -5.58 9.87
N GLU A 111 21.74 -5.28 10.82
CA GLU A 111 22.29 -3.94 10.97
C GLU A 111 23.74 -3.95 10.48
N ARG A 112 24.08 -3.00 9.63
CA ARG A 112 25.43 -2.83 9.13
C ARG A 112 25.95 -1.49 9.65
N PRO A 113 27.24 -1.19 9.48
CA PRO A 113 27.76 0.10 9.95
C PRO A 113 26.93 1.31 9.55
N ASP A 114 26.56 1.44 8.27
CA ASP A 114 25.88 2.64 7.79
C ASP A 114 24.46 2.37 7.29
N SER A 115 23.92 1.16 7.47
CA SER A 115 22.64 0.85 6.85
C SER A 115 21.97 -0.28 7.61
N PHE A 116 20.68 -0.46 7.35
CA PHE A 116 19.96 -1.66 7.74
C PHE A 116 19.60 -2.44 6.49
N VAL A 117 19.57 -3.76 6.62
CA VAL A 117 19.20 -4.65 5.51
C VAL A 117 17.99 -5.46 5.96
N LEU A 118 16.94 -5.44 5.14
CA LEU A 118 15.69 -6.12 5.42
C LEU A 118 15.52 -7.25 4.42
N ILE A 119 15.19 -8.44 4.91
CA ILE A 119 14.90 -9.59 4.05
C ILE A 119 13.38 -9.77 4.01
N LEU A 120 12.80 -9.64 2.82
CA LEU A 120 11.36 -9.67 2.66
C LEU A 120 10.94 -10.78 1.71
N GLU A 121 9.71 -11.26 1.86
CA GLU A 121 9.11 -12.16 0.90
C GLU A 121 9.22 -11.59 -0.51
N ARG A 122 9.36 -12.48 -1.48
CA ARG A 122 9.30 -12.11 -2.89
C ARG A 122 8.44 -13.12 -3.64
N PRO A 123 7.16 -12.85 -3.81
CA PRO A 123 6.34 -13.70 -4.66
C PRO A 123 6.81 -13.65 -6.10
N GLU A 124 6.50 -14.71 -6.82
CA GLU A 124 6.89 -14.82 -8.22
C GLU A 124 5.89 -15.73 -8.94
N PRO A 125 5.41 -15.31 -10.11
CA PRO A 125 5.67 -14.02 -10.75
C PRO A 125 4.83 -12.88 -10.16
N VAL A 126 5.34 -11.65 -10.27
N VAL A 126 5.36 -11.65 -10.22
CA VAL A 126 4.75 -10.50 -9.60
CA VAL A 126 4.68 -10.51 -9.64
C VAL A 126 4.76 -9.30 -10.54
C VAL A 126 4.65 -9.37 -10.66
N GLN A 127 3.77 -8.42 -10.38
CA GLN A 127 3.74 -7.12 -11.03
C GLN A 127 3.10 -6.16 -10.03
N ASP A 128 3.63 -4.95 -9.92
CA ASP A 128 2.95 -4.05 -9.02
C ASP A 128 1.70 -3.50 -9.70
N LEU A 129 0.78 -3.00 -8.87
CA LEU A 129 -0.51 -2.61 -9.39
C LEU A 129 -0.41 -1.36 -10.27
N PHE A 130 0.58 -0.50 -10.03
CA PHE A 130 0.74 0.65 -10.92
C PHE A 130 1.03 0.19 -12.35
N ASP A 131 2.01 -0.70 -12.53
CA ASP A 131 2.35 -1.17 -13.87
C ASP A 131 1.18 -1.94 -14.49
N PHE A 132 0.50 -2.75 -13.68
CA PHE A 132 -0.66 -3.51 -14.16
C PHE A 132 -1.71 -2.59 -14.75
N ILE A 133 -2.04 -1.51 -14.03
CA ILE A 133 -3.06 -0.58 -14.51
C ILE A 133 -2.54 0.19 -15.72
N THR A 134 -1.26 0.55 -15.73
CA THR A 134 -0.68 1.20 -16.91
C THR A 134 -0.84 0.31 -18.14
N GLU A 135 -0.58 -0.99 -18.00
CA GLU A 135 -0.62 -1.87 -19.17
C GLU A 135 -2.04 -2.23 -19.58
N ARG A 136 -2.95 -2.41 -18.64
CA ARG A 136 -4.27 -2.91 -18.99
C ARG A 136 -5.34 -1.83 -19.03
N GLY A 137 -5.04 -0.60 -18.58
CA GLY A 137 -6.02 0.45 -18.59
C GLY A 137 -6.97 0.30 -17.40
N ALA A 138 -8.11 1.00 -17.49
CA ALA A 138 -9.17 0.88 -16.49
C ALA A 138 -9.58 -0.57 -16.32
N LEU A 139 -9.67 -1.02 -15.07
CA LEU A 139 -10.02 -2.41 -14.80
C LEU A 139 -11.53 -2.64 -14.82
N GLN A 140 -11.94 -3.79 -15.35
CA GLN A 140 -13.31 -4.25 -15.18
C GLN A 140 -13.71 -4.16 -13.71
N GLU A 141 -14.97 -3.80 -13.45
CA GLU A 141 -15.38 -3.59 -12.07
C GLU A 141 -15.28 -4.88 -11.25
N GLU A 142 -15.52 -6.05 -11.87
CA GLU A 142 -15.38 -7.31 -11.14
C GLU A 142 -13.94 -7.50 -10.65
N LEU A 143 -12.98 -7.11 -11.45
CA LEU A 143 -11.58 -7.23 -11.05
C LEU A 143 -11.19 -6.15 -10.05
N ALA A 144 -11.63 -4.91 -10.28
CA ALA A 144 -11.38 -3.86 -9.31
C ALA A 144 -11.98 -4.22 -7.95
N ARG A 145 -13.17 -4.84 -7.95
CA ARG A 145 -13.79 -5.24 -6.69
C ARG A 145 -12.94 -6.27 -5.95
N SER A 146 -12.42 -7.26 -6.67
CA SER A 146 -11.58 -8.27 -6.03
C SER A 146 -10.31 -7.66 -5.47
N PHE A 147 -9.63 -6.81 -6.25
CA PHE A 147 -8.41 -6.16 -5.77
C PHE A 147 -8.72 -5.25 -4.58
N PHE A 148 -9.75 -4.42 -4.69
CA PHE A 148 -10.05 -3.45 -3.65
C PHE A 148 -10.41 -4.16 -2.35
N TRP A 149 -11.22 -5.23 -2.43
CA TRP A 149 -11.53 -6.05 -1.26
C TRP A 149 -10.27 -6.54 -0.57
N GLN A 150 -9.33 -7.11 -1.34
CA GLN A 150 -8.11 -7.63 -0.76
C GLN A 150 -7.27 -6.54 -0.13
N VAL A 151 -7.25 -5.34 -0.74
CA VAL A 151 -6.54 -4.24 -0.11
C VAL A 151 -7.21 -3.85 1.21
N LEU A 152 -8.54 -3.79 1.23
CA LEU A 152 -9.23 -3.49 2.48
C LEU A 152 -8.87 -4.49 3.57
N GLU A 153 -8.85 -5.78 3.22
CA GLU A 153 -8.52 -6.78 4.24
C GLU A 153 -7.09 -6.61 4.73
N ALA A 154 -6.17 -6.27 3.83
CA ALA A 154 -4.78 -6.06 4.25
C ALA A 154 -4.66 -4.84 5.17
N VAL A 155 -5.37 -3.75 4.85
CA VAL A 155 -5.30 -2.57 5.69
C VAL A 155 -5.97 -2.82 7.03
N ARG A 156 -7.09 -3.56 7.04
CA ARG A 156 -7.69 -3.94 8.32
C ARG A 156 -6.71 -4.74 9.16
N HIS A 157 -5.94 -5.62 8.53
CA HIS A 157 -4.94 -6.40 9.25
C HIS A 157 -3.90 -5.48 9.87
N CYS A 158 -3.38 -4.52 9.10
CA CYS A 158 -2.43 -3.56 9.64
C CYS A 158 -3.01 -2.82 10.85
N HIS A 159 -4.22 -2.28 10.70
CA HIS A 159 -4.81 -1.53 11.80
C HIS A 159 -5.08 -2.42 13.01
N ASN A 160 -5.49 -3.68 12.78
CA ASN A 160 -5.63 -4.63 13.89
C ASN A 160 -4.31 -4.83 14.63
N CYS A 161 -3.19 -4.75 13.92
CA CYS A 161 -1.87 -4.94 14.50
C CYS A 161 -1.27 -3.65 15.07
N GLY A 162 -2.01 -2.55 15.06
CA GLY A 162 -1.51 -1.29 15.59
C GLY A 162 -0.68 -0.47 14.63
N VAL A 163 -0.82 -0.68 13.32
CA VAL A 163 0.06 -0.10 12.32
C VAL A 163 -0.77 0.70 11.32
N LEU A 164 -0.35 1.94 11.05
CA LEU A 164 -0.93 2.78 10.01
C LEU A 164 0.07 2.87 8.87
N HIS A 165 -0.33 2.46 7.67
CA HIS A 165 0.62 2.39 6.56
C HIS A 165 1.00 3.80 6.07
N ARG A 166 0.01 4.67 5.89
CA ARG A 166 0.19 6.07 5.47
C ARG A 166 0.69 6.24 4.03
N ASP A 167 0.73 5.20 3.23
CA ASP A 167 1.15 5.39 1.84
C ASP A 167 0.50 4.35 0.95
N ILE A 168 -0.79 4.12 1.16
CA ILE A 168 -1.57 3.22 0.31
C ILE A 168 -1.65 3.85 -1.08
N LYS A 169 -1.15 3.15 -2.09
CA LYS A 169 -1.26 3.59 -3.47
C LYS A 169 -0.95 2.39 -4.35
N ASP A 170 -1.26 2.50 -5.65
CA ASP A 170 -1.08 1.35 -6.52
C ASP A 170 0.39 0.94 -6.63
N GLU A 171 1.32 1.89 -6.51
CA GLU A 171 2.74 1.55 -6.54
C GLU A 171 3.17 0.68 -5.36
N ASN A 172 2.43 0.74 -4.24
CA ASN A 172 2.81 0.00 -3.05
C ASN A 172 1.98 -1.27 -2.87
N ILE A 173 1.46 -1.81 -3.97
CA ILE A 173 0.65 -3.03 -3.97
C ILE A 173 1.22 -3.97 -5.04
N LEU A 174 1.63 -5.15 -4.62
CA LEU A 174 2.09 -6.18 -5.54
C LEU A 174 0.97 -7.17 -5.84
N ILE A 175 0.93 -7.65 -7.07
CA ILE A 175 -0.02 -8.68 -7.50
C ILE A 175 0.75 -9.98 -7.71
N ASP A 176 0.38 -11.02 -6.96
CA ASP A 176 0.84 -12.38 -7.24
C ASP A 176 -0.04 -12.89 -8.37
N LEU A 177 0.53 -12.92 -9.58
CA LEU A 177 -0.23 -13.20 -10.79
C LEU A 177 -0.70 -14.66 -10.87
N ASN A 178 -0.02 -15.59 -10.21
CA ASN A 178 -0.47 -16.97 -10.25
C ASN A 178 -1.59 -17.22 -9.24
N ARG A 179 -1.48 -16.62 -8.04
CA ARG A 179 -2.42 -16.87 -6.97
C ARG A 179 -3.56 -15.87 -6.90
N GLY A 180 -3.47 -14.75 -7.64
CA GLY A 180 -4.54 -13.76 -7.57
C GLY A 180 -4.58 -13.00 -6.26
N GLU A 181 -3.46 -12.94 -5.54
CA GLU A 181 -3.39 -12.32 -4.22
C GLU A 181 -2.57 -11.03 -4.28
N LEU A 182 -3.10 -9.99 -3.63
CA LEU A 182 -2.44 -8.70 -3.51
C LEU A 182 -1.67 -8.62 -2.18
N LYS A 183 -0.53 -7.93 -2.23
CA LYS A 183 0.36 -7.76 -1.08
C LYS A 183 0.76 -6.30 -0.92
N LEU A 184 0.55 -5.76 0.29
CA LEU A 184 0.98 -4.39 0.61
C LEU A 184 2.49 -4.33 0.87
N ILE A 185 3.16 -3.31 0.32
CA ILE A 185 4.58 -3.13 0.58
C ILE A 185 4.88 -1.72 1.03
N ASP A 186 6.14 -1.52 1.44
CA ASP A 186 6.77 -0.24 1.73
C ASP A 186 6.11 0.50 2.90
N PHE A 187 6.44 0.05 4.12
CA PHE A 187 5.98 0.68 5.35
C PHE A 187 6.89 1.81 5.83
N GLY A 188 7.74 2.34 4.95
CA GLY A 188 8.70 3.35 5.35
C GLY A 188 8.12 4.72 5.65
N SER A 189 6.85 4.97 5.35
CA SER A 189 6.17 6.20 5.76
C SER A 189 5.16 5.94 6.88
N GLY A 190 5.12 4.72 7.41
CA GLY A 190 4.07 4.35 8.35
C GLY A 190 4.31 4.91 9.73
N ALA A 191 3.39 4.56 10.63
CA ALA A 191 3.45 4.98 12.02
C ALA A 191 2.66 3.98 12.85
N LEU A 192 2.90 3.99 14.15
CA LEU A 192 1.97 3.29 15.04
C LEU A 192 0.61 3.96 14.92
N LEU A 193 -0.43 3.15 14.89
CA LEU A 193 -1.79 3.69 14.84
C LEU A 193 -2.16 4.31 16.18
N LYS A 194 -2.79 5.48 16.14
CA LYS A 194 -3.27 6.15 17.35
C LYS A 194 -4.58 6.85 17.04
N ASP A 195 -5.27 7.28 18.08
CA ASP A 195 -6.57 7.94 17.94
C ASP A 195 -6.48 9.45 18.00
N THR A 196 -5.31 10.01 18.28
CA THR A 196 -5.11 11.44 18.33
C THR A 196 -4.63 11.93 16.95
N VAL A 197 -4.45 13.24 16.82
CA VAL A 197 -4.18 13.83 15.50
C VAL A 197 -2.74 13.57 15.11
N TYR A 198 -2.51 13.35 13.81
CA TYR A 198 -1.18 13.34 13.21
C TYR A 198 -0.90 14.70 12.58
N THR A 199 0.31 15.24 12.82
CA THR A 199 0.70 16.52 12.25
C THR A 199 1.95 16.41 11.39
N ASP A 200 2.45 15.20 11.16
CA ASP A 200 3.55 14.94 10.26
C ASP A 200 3.07 13.96 9.19
N PHE A 201 3.67 14.04 7.99
CA PHE A 201 3.27 13.17 6.89
C PHE A 201 4.38 13.16 5.85
N ASP A 202 4.80 11.96 5.42
CA ASP A 202 5.78 11.81 4.35
C ASP A 202 5.35 10.78 3.31
N GLY A 203 4.04 10.54 3.18
CA GLY A 203 3.52 9.67 2.14
C GLY A 203 3.41 10.42 0.82
N THR A 204 2.54 9.93 -0.05
CA THR A 204 2.38 10.48 -1.39
C THR A 204 1.31 11.56 -1.39
N ARG A 205 1.69 12.77 -1.79
CA ARG A 205 0.79 13.91 -1.65
C ARG A 205 -0.51 13.74 -2.44
N VAL A 206 -0.44 13.21 -3.66
CA VAL A 206 -1.67 13.07 -4.47
C VAL A 206 -2.63 12.04 -3.90
N TYR A 207 -2.20 11.22 -2.93
CA TYR A 207 -3.13 10.35 -2.20
C TYR A 207 -3.48 10.91 -0.83
N SER A 208 -2.97 12.11 -0.46
CA SER A 208 -3.20 12.62 0.88
C SER A 208 -4.51 13.41 0.93
N PRO A 209 -5.12 13.53 2.10
CA PRO A 209 -6.49 14.06 2.18
C PRO A 209 -6.49 15.57 2.26
N PRO A 210 -7.63 16.20 1.99
CA PRO A 210 -7.66 17.68 1.97
C PRO A 210 -7.36 18.30 3.32
N GLU A 211 -7.68 17.62 4.42
CA GLU A 211 -7.34 18.19 5.72
C GLU A 211 -5.83 18.23 5.92
N TRP A 212 -5.08 17.32 5.29
CA TRP A 212 -3.63 17.44 5.33
C TRP A 212 -3.15 18.60 4.48
N ILE A 213 -3.73 18.75 3.27
CA ILE A 213 -3.35 19.86 2.39
C ILE A 213 -3.66 21.20 3.05
N ARG A 214 -4.84 21.31 3.65
CA ARG A 214 -5.32 22.60 4.16
C ARG A 214 -4.71 22.95 5.51
N TYR A 215 -4.67 21.98 6.44
CA TYR A 215 -4.35 22.24 7.85
C TYR A 215 -3.15 21.48 8.40
N HIS A 216 -2.50 20.64 7.60
CA HIS A 216 -1.40 19.80 8.09
C HIS A 216 -1.81 19.00 9.34
N ARG A 217 -3.05 18.50 9.33
CA ARG A 217 -3.60 17.67 10.40
C ARG A 217 -4.47 16.59 9.79
N TYR A 218 -4.39 15.38 10.32
CA TYR A 218 -5.29 14.31 9.90
C TYR A 218 -5.37 13.27 11.01
N HIS A 219 -6.41 12.46 10.95
CA HIS A 219 -6.55 11.30 11.79
C HIS A 219 -6.34 10.06 10.94
N GLY A 220 -5.87 8.98 11.56
CA GLY A 220 -5.27 7.90 10.78
C GLY A 220 -6.26 7.16 9.89
N ARG A 221 -7.39 6.73 10.46
N ARG A 221 -7.39 6.73 10.47
CA ARG A 221 -8.32 5.90 9.72
CA ARG A 221 -8.33 5.89 9.74
C ARG A 221 -9.03 6.67 8.64
C ARG A 221 -9.03 6.67 8.64
N SER A 222 -9.48 7.89 8.93
CA SER A 222 -10.17 8.66 7.91
C SER A 222 -9.23 9.08 6.79
N ALA A 223 -7.96 9.31 7.11
CA ALA A 223 -6.99 9.60 6.05
C ALA A 223 -6.73 8.36 5.19
N ALA A 224 -6.66 7.19 5.83
CA ALA A 224 -6.53 5.93 5.07
C ALA A 224 -7.71 5.72 4.14
N VAL A 225 -8.92 6.03 4.60
CA VAL A 225 -10.10 5.84 3.77
C VAL A 225 -10.06 6.78 2.58
N TRP A 226 -9.61 8.02 2.76
CA TRP A 226 -9.43 8.90 1.60
C TRP A 226 -8.51 8.27 0.56
N SER A 227 -7.34 7.78 0.99
CA SER A 227 -6.40 7.22 0.02
C SER A 227 -6.98 5.99 -0.68
N LEU A 228 -7.84 5.25 0.01
CA LEU A 228 -8.53 4.12 -0.61
C LEU A 228 -9.53 4.57 -1.67
N GLY A 229 -10.19 5.71 -1.45
CA GLY A 229 -11.02 6.28 -2.50
C GLY A 229 -10.21 6.67 -3.73
N ILE A 230 -9.04 7.27 -3.51
CA ILE A 230 -8.13 7.59 -4.61
C ILE A 230 -7.74 6.33 -5.34
N LEU A 231 -7.41 5.28 -4.58
CA LEU A 231 -7.00 4.01 -5.18
C LEU A 231 -8.13 3.37 -5.98
N LEU A 232 -9.37 3.42 -5.48
CA LEU A 232 -10.46 2.78 -6.21
C LEU A 232 -10.73 3.53 -7.52
N TYR A 233 -10.76 4.85 -7.46
CA TYR A 233 -10.89 5.63 -8.69
C TYR A 233 -9.81 5.22 -9.69
N ASP A 234 -8.57 5.17 -9.20
CA ASP A 234 -7.42 4.75 -10.02
C ASP A 234 -7.70 3.42 -10.72
N MET A 235 -8.22 2.45 -9.99
CA MET A 235 -8.49 1.13 -10.58
C MET A 235 -9.59 1.19 -11.65
N VAL A 236 -10.70 1.87 -11.39
CA VAL A 236 -11.80 1.81 -12.34
C VAL A 236 -11.74 2.87 -13.43
N CYS A 237 -10.87 3.88 -13.28
CA CYS A 237 -10.72 4.89 -14.31
C CYS A 237 -9.38 4.86 -15.02
N GLY A 238 -8.38 4.15 -14.48
CA GLY A 238 -7.09 4.04 -15.13
C GLY A 238 -6.04 5.05 -14.71
N ASP A 239 -6.41 6.06 -13.92
CA ASP A 239 -5.45 6.97 -13.32
C ASP A 239 -6.12 7.65 -12.15
N ILE A 240 -5.33 8.26 -11.28
CA ILE A 240 -5.85 8.89 -10.05
C ILE A 240 -6.65 10.12 -10.42
N PRO A 241 -7.59 10.57 -9.58
CA PRO A 241 -8.44 11.71 -9.97
C PRO A 241 -7.77 13.06 -9.89
N PHE A 242 -6.86 13.25 -8.93
CA PHE A 242 -6.33 14.57 -8.59
C PHE A 242 -4.82 14.57 -8.78
N GLU A 243 -4.31 15.64 -9.39
CA GLU A 243 -2.88 15.87 -9.49
C GLU A 243 -2.40 17.11 -8.74
N HIS A 244 -3.30 18.05 -8.43
CA HIS A 244 -2.93 19.33 -7.87
C HIS A 244 -3.67 19.58 -6.56
N ASP A 245 -3.08 20.40 -5.69
CA ASP A 245 -3.69 20.68 -4.40
C ASP A 245 -5.10 21.22 -4.54
N GLU A 246 -5.31 22.12 -5.52
CA GLU A 246 -6.62 22.71 -5.70
C GLU A 246 -7.67 21.66 -6.04
N GLU A 247 -7.28 20.58 -6.75
CA GLU A 247 -8.24 19.52 -7.03
C GLU A 247 -8.53 18.68 -5.80
N ILE A 248 -7.50 18.38 -5.01
CA ILE A 248 -7.70 17.61 -3.78
C ILE A 248 -8.69 18.30 -2.87
N ILE A 249 -8.53 19.62 -2.67
CA ILE A 249 -9.41 20.29 -1.71
C ILE A 249 -10.73 20.71 -2.34
N GLY A 250 -10.84 20.69 -3.67
CA GLY A 250 -12.08 21.07 -4.31
C GLY A 250 -13.16 20.01 -4.20
N GLY A 251 -12.77 18.75 -4.06
CA GLY A 251 -13.74 17.69 -3.84
C GLY A 251 -14.77 17.51 -4.93
N GLN A 252 -14.40 17.79 -6.18
CA GLN A 252 -15.22 17.44 -7.32
C GLN A 252 -14.59 16.23 -8.00
N VAL A 253 -15.37 15.15 -8.14
CA VAL A 253 -14.89 13.91 -8.75
C VAL A 253 -15.57 13.77 -10.12
N PHE A 254 -14.80 13.95 -11.17
CA PHE A 254 -15.26 13.74 -12.54
C PHE A 254 -14.85 12.33 -12.97
N PHE A 255 -15.79 11.57 -13.52
CA PHE A 255 -15.49 10.21 -13.98
C PHE A 255 -15.18 10.21 -15.47
N ARG A 256 -13.96 9.78 -15.80
CA ARG A 256 -13.46 9.78 -17.18
C ARG A 256 -13.71 8.44 -17.87
N GLN A 257 -14.20 7.43 -17.15
CA GLN A 257 -14.59 6.16 -17.72
C GLN A 257 -16.02 5.88 -17.32
N ARG A 258 -16.67 4.96 -18.02
CA ARG A 258 -17.97 4.48 -17.60
C ARG A 258 -17.77 3.69 -16.31
N VAL A 259 -18.40 4.16 -15.23
CA VAL A 259 -18.35 3.51 -13.93
C VAL A 259 -19.77 3.41 -13.39
N SER A 260 -20.12 2.27 -12.79
CA SER A 260 -21.50 2.05 -12.34
C SER A 260 -21.85 3.09 -11.28
N SER A 261 -23.14 3.38 -11.15
CA SER A 261 -23.58 4.35 -10.14
C SER A 261 -23.21 3.90 -8.74
N GLU A 262 -23.27 2.60 -8.47
CA GLU A 262 -22.93 2.12 -7.13
C GLU A 262 -21.45 2.33 -6.83
N CYS A 263 -20.57 2.07 -7.80
CA CYS A 263 -19.15 2.29 -7.59
C CYS A 263 -18.83 3.78 -7.45
N GLN A 264 -19.44 4.64 -8.28
CA GLN A 264 -19.26 6.08 -8.14
C GLN A 264 -19.62 6.54 -6.74
N HIS A 265 -20.72 6.03 -6.20
CA HIS A 265 -21.17 6.44 -4.88
C HIS A 265 -20.15 6.08 -3.81
N LEU A 266 -19.62 4.85 -3.87
CA LEU A 266 -18.60 4.44 -2.90
C LEU A 266 -17.37 5.34 -2.99
N ILE A 267 -16.90 5.61 -4.21
CA ILE A 267 -15.74 6.47 -4.38
C ILE A 267 -16.02 7.85 -3.79
N ARG A 268 -17.14 8.46 -4.19
CA ARG A 268 -17.43 9.81 -3.71
C ARG A 268 -17.59 9.84 -2.20
N TRP A 269 -18.04 8.73 -1.61
CA TRP A 269 -18.17 8.65 -0.16
C TRP A 269 -16.80 8.58 0.51
N CYS A 270 -15.89 7.74 0.00
CA CYS A 270 -14.52 7.72 0.52
C CYS A 270 -13.83 9.06 0.36
N LEU A 271 -14.17 9.82 -0.68
CA LEU A 271 -13.57 11.11 -0.95
C LEU A 271 -14.40 12.28 -0.39
N ALA A 272 -15.22 12.05 0.62
CA ALA A 272 -15.91 13.17 1.25
C ALA A 272 -14.89 14.18 1.79
N LEU A 273 -15.17 15.47 1.61
CA LEU A 273 -14.23 16.49 2.08
C LEU A 273 -14.10 16.48 3.60
N ARG A 274 -15.20 16.38 4.31
CA ARG A 274 -15.11 16.34 5.77
C ARG A 274 -14.75 14.93 6.21
N PRO A 275 -13.69 14.75 7.01
CA PRO A 275 -13.28 13.38 7.38
C PRO A 275 -14.37 12.59 8.08
N SER A 276 -15.13 13.23 8.95
CA SER A 276 -16.20 12.53 9.66
C SER A 276 -17.32 12.07 8.72
N ASP A 277 -17.39 12.59 7.49
CA ASP A 277 -18.37 12.13 6.51
C ASP A 277 -17.93 10.88 5.75
N ARG A 278 -16.68 10.41 5.92
CA ARG A 278 -16.20 9.24 5.19
C ARG A 278 -16.67 7.95 5.86
N PRO A 279 -16.82 6.88 5.10
CA PRO A 279 -17.24 5.61 5.68
C PRO A 279 -16.13 4.99 6.53
N THR A 280 -16.54 4.17 7.50
CA THR A 280 -15.62 3.28 8.18
C THR A 280 -15.25 2.12 7.27
N PHE A 281 -14.23 1.34 7.66
CA PHE A 281 -13.91 0.15 6.85
C PHE A 281 -15.10 -0.79 6.78
N GLU A 282 -15.86 -0.90 7.88
CA GLU A 282 -17.03 -1.77 7.89
C GLU A 282 -18.07 -1.31 6.88
N GLU A 283 -18.31 0.01 6.81
CA GLU A 283 -19.28 0.53 5.85
C GLU A 283 -18.82 0.35 4.41
N ILE A 284 -17.50 0.42 4.16
CA ILE A 284 -17.00 0.14 2.81
C ILE A 284 -17.31 -1.29 2.43
N GLN A 285 -16.93 -2.23 3.28
CA GLN A 285 -17.10 -3.63 2.92
C GLN A 285 -18.56 -4.08 2.92
N ASN A 286 -19.46 -3.37 3.62
CA ASN A 286 -20.89 -3.61 3.52
C ASN A 286 -21.55 -2.87 2.38
N HIS A 287 -20.81 -2.05 1.64
CA HIS A 287 -21.42 -1.28 0.56
C HIS A 287 -21.94 -2.23 -0.53
N PRO A 288 -23.09 -1.93 -1.15
CA PRO A 288 -23.62 -2.82 -2.19
C PRO A 288 -22.67 -3.06 -3.36
N TRP A 289 -21.82 -2.11 -3.73
CA TRP A 289 -20.86 -2.39 -4.81
C TRP A 289 -19.86 -3.48 -4.43
N MET A 290 -19.64 -3.70 -3.13
CA MET A 290 -18.63 -4.64 -2.67
C MET A 290 -19.14 -6.07 -2.54
N GLN A 291 -20.40 -6.34 -2.79
N GLN A 291 -20.41 -6.31 -2.84
CA GLN A 291 -20.90 -7.67 -2.50
CA GLN A 291 -21.03 -7.63 -2.69
C GLN A 291 -20.57 -8.65 -3.63
C GLN A 291 -20.43 -8.64 -3.66
N ASP A 292 -20.47 -9.92 -3.26
CA ASP A 292 -20.15 -11.04 -4.16
C ASP A 292 -18.75 -10.93 -4.77
N VAL A 293 -17.76 -10.66 -3.93
CA VAL A 293 -16.38 -10.58 -4.40
C VAL A 293 -15.91 -11.95 -4.90
N LEU A 294 -15.05 -11.95 -5.92
CA LEU A 294 -14.39 -13.17 -6.36
C LEU A 294 -13.38 -13.62 -5.32
N LEU A 295 -13.16 -14.94 -5.27
CA LEU A 295 -12.03 -15.48 -4.51
C LEU A 295 -10.73 -15.15 -5.24
N PRO A 296 -9.60 -15.12 -4.53
CA PRO A 296 -8.33 -14.86 -5.23
C PRO A 296 -8.04 -15.84 -6.36
N GLN A 297 -8.31 -17.14 -6.15
CA GLN A 297 -8.03 -18.11 -7.20
C GLN A 297 -8.90 -17.87 -8.43
N GLU A 298 -10.19 -17.59 -8.22
CA GLU A 298 -11.05 -17.24 -9.35
C GLU A 298 -10.56 -15.97 -10.05
N THR A 299 -10.09 -14.99 -9.28
CA THR A 299 -9.56 -13.77 -9.86
C THR A 299 -8.38 -14.07 -10.79
N ALA A 300 -7.46 -14.93 -10.33
CA ALA A 300 -6.34 -15.30 -11.19
C ALA A 300 -6.81 -16.02 -12.45
N GLU A 301 -7.73 -16.99 -12.32
CA GLU A 301 -8.14 -17.77 -13.48
C GLU A 301 -8.91 -16.92 -14.48
N ILE A 302 -9.77 -16.03 -14.00
CA ILE A 302 -10.61 -15.25 -14.91
C ILE A 302 -9.82 -14.11 -15.53
N HIS A 303 -8.99 -13.43 -14.74
CA HIS A 303 -8.44 -12.14 -15.14
C HIS A 303 -6.93 -12.10 -15.29
N LEU A 304 -6.19 -13.02 -14.68
CA LEU A 304 -4.74 -12.92 -14.69
C LEU A 304 -4.04 -14.03 -15.47
N HIS A 305 -4.62 -15.23 -15.52
CA HIS A 305 -4.01 -16.31 -16.26
C HIS A 305 -4.27 -16.14 -17.75
N ARG B 2 -3.20 11.05 -22.32
CA ARG B 2 -3.01 11.74 -21.05
C ARG B 2 -1.93 11.06 -20.21
N LYS B 3 -1.01 11.85 -19.65
CA LYS B 3 0.16 11.29 -19.01
C LYS B 3 -0.19 10.69 -17.64
N ARG B 4 0.18 9.44 -17.46
CA ARG B 4 0.08 8.75 -16.19
C ARG B 4 1.50 8.58 -15.64
N ARG B 5 1.71 8.96 -14.39
CA ARG B 5 3.05 8.91 -13.83
C ARG B 5 3.01 8.42 -12.39
N ARG B 6 4.15 7.89 -11.95
CA ARG B 6 4.35 7.60 -10.53
C ARG B 6 4.55 8.90 -9.77
N HIS B 7 4.37 8.84 -8.45
CA HIS B 7 4.54 10.00 -7.58
C HIS B 7 5.42 9.60 -6.39
N PRO B 8 6.61 10.19 -6.24
CA PRO B 8 7.48 9.82 -5.12
C PRO B 8 6.85 10.13 -3.77
N SER B 9 7.26 9.35 -2.75
CA SER B 9 6.76 9.49 -1.38
C SER B 9 7.74 10.37 -0.59
N GLY B 10 7.39 11.64 -0.45
CA GLY B 10 8.22 12.58 0.29
C GLY B 10 7.58 13.93 0.49
C1 GOL C . -10.50 16.99 -11.35
O1 GOL C . -10.72 17.56 -10.08
C2 GOL C . -10.83 15.50 -11.27
O2 GOL C . -12.17 15.30 -10.87
C3 GOL C . -10.58 14.83 -12.63
O3 GOL C . -10.93 13.46 -12.55
C4 8UB D . 9.32 -5.97 -2.15
C5 8UB D . 9.03 -7.33 -2.04
C6 8UB D . 9.59 -3.80 -1.07
N1 8UB D . 9.87 -4.04 -3.53
C7 8UB D . 9.86 -3.27 -2.43
C8 8UB D . 10.12 -1.85 -2.49
O 8UB D . 9.57 -3.12 -0.05
N 8UB D . 9.33 -5.13 -1.02
C 8UB D . 9.02 -8.11 -3.18
C3 8UB D . 9.60 -5.40 -3.40
C2 8UB D . 9.59 -6.20 -4.54
C1 8UB D . 9.30 -7.55 -4.42
#